data_2F98
#
_entry.id   2F98
#
_cell.length_a   152.271
_cell.length_b   152.271
_cell.length_c   109.430
_cell.angle_alpha   90.00
_cell.angle_beta   90.00
_cell.angle_gamma   120.00
#
_symmetry.space_group_name_H-M   'H 3'
#
loop_
_entity.id
_entity.type
_entity.pdbx_description
1 polymer 'Aklanonic Acid methyl Ester Cyclase, AknH'
2 non-polymer 'SULFATE ION'
3 non-polymer 'METHYL 5,7-DIHYDROXY-2-METHYL-4,6,11-TRIOXO-3,4,6,11-TETRAHYDROTETRACENE-1-CARBOXYLATE'
4 water water
#
_entity_poly.entity_id   1
_entity_poly.type   'polypeptide(L)'
_entity_poly.pdbx_seq_one_letter_code
;MAHHHHHHHRSEQIAAVRRMVEAYNTGKTDDVADYIHPEYMNPGTLEFTSLRGPELFAINVAWVKKTFSEEARLEEVGIE
ERADWVRARLVLYGRHVGEMVGMAPTGRLFSGEQIHLLHFVDGKIHHHRDWPDYQGTYRQLGEPWPETEHRRP
;
_entity_poly.pdbx_strand_id   A,B,C,D
#
# COMPACT_ATOMS: atom_id res chain seq x y z
N ARG A 10 1.88 -31.06 -12.26
CA ARG A 10 2.86 -30.77 -11.15
C ARG A 10 4.08 -30.01 -11.65
N SER A 11 4.39 -28.91 -10.98
CA SER A 11 5.59 -28.11 -11.25
C SER A 11 6.62 -28.39 -10.16
N GLU A 12 7.79 -28.88 -10.55
CA GLU A 12 8.89 -29.08 -9.61
C GLU A 12 9.44 -27.74 -9.12
N GLN A 13 9.38 -26.74 -9.99
CA GLN A 13 9.85 -25.40 -9.65
C GLN A 13 9.01 -24.78 -8.53
N ILE A 14 7.68 -24.84 -8.67
CA ILE A 14 6.78 -24.31 -7.65
C ILE A 14 6.93 -25.12 -6.36
N ALA A 15 7.05 -26.43 -6.49
CA ALA A 15 7.33 -27.28 -5.32
C ALA A 15 8.61 -26.83 -4.60
N ALA A 16 9.66 -26.54 -5.35
CA ALA A 16 10.93 -26.09 -4.77
C ALA A 16 10.74 -24.75 -4.05
N VAL A 17 10.00 -23.84 -4.66
CA VAL A 17 9.75 -22.54 -4.06
C VAL A 17 8.92 -22.69 -2.78
N ARG A 18 7.98 -23.63 -2.79
CA ARG A 18 7.20 -23.91 -1.58
C ARG A 18 8.04 -24.49 -0.43
N ARG A 19 9.07 -25.28 -0.76
CA ARG A 19 10.04 -25.76 0.24
C ARG A 19 10.77 -24.57 0.85
N MET A 20 11.20 -23.65 0.00
CA MET A 20 11.83 -22.41 0.42
C MET A 20 10.94 -21.59 1.38
N VAL A 21 9.66 -21.43 1.04
CA VAL A 21 8.69 -20.75 1.92
C VAL A 21 8.53 -21.48 3.25
N GLU A 22 8.43 -22.80 3.18
CA GLU A 22 8.29 -23.63 4.37
C GLU A 22 9.49 -23.48 5.34
N ALA A 23 10.70 -23.34 4.79
CA ALA A 23 11.89 -23.12 5.60
C ALA A 23 11.80 -21.87 6.49
N TYR A 24 11.29 -20.77 5.94
CA TYR A 24 11.08 -19.55 6.71
C TYR A 24 10.07 -19.78 7.84
N ASN A 25 9.10 -20.65 7.59
CA ASN A 25 8.04 -20.94 8.54
C ASN A 25 8.53 -21.82 9.70
N THR A 26 9.11 -22.96 9.34
CA THR A 26 9.62 -23.93 10.32
C THR A 26 10.95 -23.50 10.93
N GLY A 27 11.73 -22.74 10.18
CA GLY A 27 13.11 -22.47 10.57
C GLY A 27 14.05 -23.64 10.34
N LYS A 28 13.57 -24.67 9.63
CA LYS A 28 14.36 -25.86 9.37
C LYS A 28 15.04 -25.80 8.00
N THR A 29 16.37 -25.82 8.01
CA THR A 29 17.14 -25.63 6.78
C THR A 29 18.16 -26.74 6.52
N ASP A 30 18.01 -27.87 7.20
CA ASP A 30 18.97 -28.97 7.07
C ASP A 30 19.10 -29.43 5.61
N ASP A 31 18.00 -29.43 4.86
CA ASP A 31 17.97 -29.93 3.48
C ASP A 31 18.08 -28.87 2.37
N VAL A 32 18.48 -27.65 2.71
CA VAL A 32 18.45 -26.54 1.73
C VAL A 32 19.24 -26.77 0.45
N ALA A 33 20.32 -27.55 0.52
CA ALA A 33 21.08 -27.92 -0.67
C ALA A 33 20.28 -28.68 -1.73
N ASP A 34 19.18 -29.33 -1.33
CA ASP A 34 18.23 -29.94 -2.27
C ASP A 34 17.69 -28.97 -3.30
N TYR A 35 17.42 -27.73 -2.89
CA TYR A 35 16.71 -26.78 -3.75
C TYR A 35 17.40 -25.41 -3.95
N ILE A 36 18.47 -25.16 -3.20
CA ILE A 36 19.23 -23.92 -3.36
C ILE A 36 20.51 -24.21 -4.13
N HIS A 37 20.70 -23.54 -5.28
CA HIS A 37 21.88 -23.69 -6.13
C HIS A 37 23.16 -23.28 -5.39
N PRO A 38 24.29 -23.96 -5.65
CA PRO A 38 25.58 -23.54 -5.10
C PRO A 38 25.89 -22.06 -5.35
N GLU A 39 25.46 -21.52 -6.48
CA GLU A 39 25.73 -20.11 -6.81
C GLU A 39 24.58 -19.13 -6.45
N TYR A 40 23.67 -19.57 -5.57
CA TYR A 40 22.48 -18.78 -5.18
C TYR A 40 22.86 -17.40 -4.68
N MET A 41 22.15 -16.39 -5.17
CA MET A 41 22.35 -15.01 -4.73
C MET A 41 21.01 -14.34 -4.49
N ASN A 42 20.92 -13.59 -3.40
CA ASN A 42 19.83 -12.67 -3.15
C ASN A 42 20.49 -11.34 -2.88
N PRO A 43 20.40 -10.43 -3.85
CA PRO A 43 21.09 -9.12 -3.77
C PRO A 43 20.59 -8.24 -2.62
N GLY A 44 19.40 -8.53 -2.10
CA GLY A 44 18.82 -7.77 -1.00
C GLY A 44 19.60 -7.82 0.31
N THR A 45 20.47 -8.81 0.50
CA THR A 45 21.26 -8.87 1.73
C THR A 45 22.75 -8.54 1.58
N LEU A 46 23.13 -7.99 0.44
CA LEU A 46 24.52 -7.62 0.17
C LEU A 46 25.11 -6.69 1.22
N GLU A 47 24.26 -5.84 1.81
CA GLU A 47 24.66 -4.95 2.89
C GLU A 47 25.17 -5.73 4.12
N PHE A 48 24.62 -6.93 4.33
CA PHE A 48 24.81 -7.64 5.59
C PHE A 48 25.75 -8.85 5.55
N THR A 49 26.03 -9.36 4.35
CA THR A 49 26.81 -10.58 4.20
C THR A 49 27.37 -10.77 2.80
N SER A 50 28.49 -11.50 2.71
CA SER A 50 29.09 -11.83 1.43
C SER A 50 28.84 -13.29 1.04
N LEU A 51 28.03 -14.00 1.83
CA LEU A 51 27.73 -15.40 1.56
C LEU A 51 26.97 -15.61 0.24
N ARG A 52 27.13 -16.80 -0.33
CA ARG A 52 26.32 -17.27 -1.46
C ARG A 52 25.78 -18.67 -1.19
N GLY A 53 24.99 -19.17 -2.12
CA GLY A 53 24.53 -20.55 -2.09
C GLY A 53 23.61 -20.93 -0.93
N PRO A 54 23.52 -22.23 -0.63
CA PRO A 54 22.67 -22.72 0.47
C PRO A 54 22.97 -22.04 1.81
N GLU A 55 24.22 -21.66 2.03
CA GLU A 55 24.61 -20.98 3.25
C GLU A 55 23.94 -19.60 3.37
N LEU A 56 23.91 -18.86 2.27
CA LEU A 56 23.26 -17.55 2.24
C LEU A 56 21.77 -17.67 2.54
N PHE A 57 21.09 -18.59 1.86
CA PHE A 57 19.66 -18.74 2.09
C PHE A 57 19.38 -19.12 3.54
N ALA A 58 20.15 -20.06 4.07
CA ALA A 58 19.97 -20.52 5.44
C ALA A 58 20.18 -19.43 6.48
N ILE A 59 21.17 -18.57 6.26
CA ILE A 59 21.44 -17.49 7.23
C ILE A 59 20.34 -16.41 7.21
N ASN A 60 19.79 -16.16 6.04
CA ASN A 60 18.66 -15.23 5.93
C ASN A 60 17.41 -15.76 6.62
N VAL A 61 17.19 -17.07 6.55
CA VAL A 61 16.09 -17.70 7.29
C VAL A 61 16.31 -17.48 8.79
N ALA A 62 17.55 -17.69 9.24
CA ALA A 62 17.91 -17.52 10.64
C ALA A 62 17.69 -16.06 11.07
N TRP A 63 18.04 -15.12 10.20
CA TRP A 63 17.86 -13.69 10.46
C TRP A 63 16.37 -13.35 10.66
N VAL A 64 15.52 -13.91 9.79
CA VAL A 64 14.08 -13.68 9.89
C VAL A 64 13.56 -14.17 11.24
N LYS A 65 13.95 -15.39 11.60
CA LYS A 65 13.54 -16.01 12.85
C LYS A 65 13.99 -15.22 14.09
N LYS A 66 15.21 -14.68 14.03
CA LYS A 66 15.79 -13.88 15.11
C LYS A 66 15.20 -12.46 15.23
N THR A 67 14.99 -11.80 14.09
CA THR A 67 14.52 -10.42 14.08
C THR A 67 13.01 -10.31 14.20
N PHE A 68 12.30 -11.28 13.62
CA PHE A 68 10.83 -11.22 13.54
C PHE A 68 10.18 -12.30 14.37
N SER A 69 10.98 -12.97 15.21
CA SER A 69 10.54 -14.00 16.18
C SER A 69 10.34 -15.37 15.56
N GLU A 70 10.35 -16.41 16.41
CA GLU A 70 10.19 -17.80 15.98
C GLU A 70 8.80 -18.03 15.44
N GLU A 71 7.87 -17.17 15.86
CA GLU A 71 6.49 -17.24 15.42
C GLU A 71 6.30 -16.56 14.05
N ALA A 72 7.36 -16.01 13.47
CA ALA A 72 7.27 -15.39 12.14
C ALA A 72 6.79 -16.41 11.11
N ARG A 73 5.77 -16.03 10.34
CA ARG A 73 5.18 -16.91 9.34
C ARG A 73 5.13 -16.20 7.97
N LEU A 74 5.24 -16.99 6.90
CA LEU A 74 5.09 -16.50 5.54
C LEU A 74 3.96 -17.29 4.92
N GLU A 75 2.83 -16.62 4.66
CA GLU A 75 1.65 -17.26 4.12
C GLU A 75 1.65 -17.08 2.62
N GLU A 76 1.22 -18.12 1.91
CA GLU A 76 1.11 -18.08 0.46
C GLU A 76 -0.20 -17.46 -0.02
N VAL A 77 -0.09 -16.42 -0.84
CA VAL A 77 -1.25 -15.85 -1.53
C VAL A 77 -1.42 -16.55 -2.88
N GLY A 78 -0.32 -16.63 -3.63
CA GLY A 78 -0.33 -17.17 -4.98
C GLY A 78 1.07 -17.36 -5.53
N ILE A 79 1.23 -18.38 -6.37
CA ILE A 79 2.49 -18.64 -7.02
C ILE A 79 2.26 -18.98 -8.49
N GLU A 80 3.06 -18.39 -9.35
CA GLU A 80 2.98 -18.71 -10.77
C GLU A 80 4.38 -18.85 -11.34
N GLU A 81 4.48 -19.47 -12.51
CA GLU A 81 5.77 -19.68 -13.13
C GLU A 81 5.70 -19.37 -14.63
N ARG A 82 6.86 -19.05 -15.19
CA ARG A 82 6.98 -18.80 -16.62
C ARG A 82 8.39 -19.23 -17.00
N ALA A 83 8.47 -20.30 -17.80
CA ALA A 83 9.74 -20.92 -18.18
C ALA A 83 10.59 -21.28 -16.94
N ASP A 84 11.78 -20.71 -16.82
CA ASP A 84 12.66 -20.99 -15.67
C ASP A 84 12.52 -20.00 -14.47
N TRP A 85 11.44 -19.21 -14.48
CA TRP A 85 11.19 -18.24 -13.42
C TRP A 85 9.92 -18.57 -12.63
N VAL A 86 9.93 -18.21 -11.35
CA VAL A 86 8.77 -18.37 -10.48
C VAL A 86 8.55 -17.04 -9.78
N ARG A 87 7.30 -16.63 -9.70
CA ARG A 87 6.95 -15.44 -8.94
C ARG A 87 6.03 -15.85 -7.80
N ALA A 88 6.36 -15.40 -6.58
CA ALA A 88 5.57 -15.73 -5.41
C ALA A 88 5.03 -14.49 -4.72
N ARG A 89 3.74 -14.52 -4.44
CA ARG A 89 3.06 -13.46 -3.69
C ARG A 89 2.76 -14.03 -2.31
N LEU A 90 3.38 -13.42 -1.30
CA LEU A 90 3.35 -13.97 0.07
C LEU A 90 2.98 -12.88 1.05
N VAL A 91 2.66 -13.28 2.27
CA VAL A 91 2.45 -12.31 3.34
C VAL A 91 3.27 -12.73 4.57
N LEU A 92 4.16 -11.84 4.98
CA LEU A 92 4.96 -12.01 6.18
C LEU A 92 4.18 -11.54 7.42
N TYR A 93 4.11 -12.40 8.43
CA TYR A 93 3.58 -12.03 9.73
C TYR A 93 4.74 -12.14 10.71
N GLY A 94 4.99 -11.11 11.52
CA GLY A 94 6.05 -11.19 12.51
C GLY A 94 5.82 -10.34 13.74
N ARG A 95 6.82 -10.37 14.63
CA ARG A 95 6.88 -9.42 15.73
C ARG A 95 8.31 -8.95 15.79
N HIS A 96 8.50 -7.63 15.86
CA HIS A 96 9.81 -7.03 15.78
C HIS A 96 10.55 -7.15 17.13
N VAL A 97 11.29 -8.26 17.29
CA VAL A 97 11.96 -8.57 18.55
C VAL A 97 13.48 -8.38 18.48
N GLY A 98 13.99 -8.14 17.28
CA GLY A 98 15.42 -7.97 17.10
C GLY A 98 15.77 -6.65 16.45
N GLU A 99 16.99 -6.20 16.68
CA GLU A 99 17.52 -5.00 16.07
C GLU A 99 17.48 -5.14 14.55
N MET A 100 17.20 -4.03 13.87
CA MET A 100 17.06 -4.05 12.43
C MET A 100 17.49 -2.70 11.87
N VAL A 101 18.44 -2.73 10.92
CA VAL A 101 19.05 -1.54 10.30
C VAL A 101 19.22 -0.34 11.25
N GLY A 102 19.73 -0.63 12.45
CA GLY A 102 20.05 0.38 13.44
C GLY A 102 18.89 0.78 14.33
N MET A 103 17.76 0.06 14.24
CA MET A 103 16.57 0.38 14.99
C MET A 103 16.36 -0.63 16.08
N ALA A 104 16.24 -0.17 17.33
CA ALA A 104 15.97 -1.04 18.47
C ALA A 104 14.65 -1.77 18.29
N PRO A 105 14.52 -2.96 18.86
CA PRO A 105 13.25 -3.70 18.84
C PRO A 105 12.07 -2.90 19.44
N THR A 106 10.94 -2.90 18.75
CA THR A 106 9.75 -2.22 19.23
C THR A 106 8.81 -3.17 19.96
N GLY A 107 9.01 -4.47 19.76
CA GLY A 107 8.10 -5.50 20.27
C GLY A 107 6.74 -5.51 19.57
N ARG A 108 6.63 -4.80 18.46
CA ARG A 108 5.34 -4.62 17.80
C ARG A 108 5.06 -5.73 16.79
N LEU A 109 3.81 -6.19 16.75
CA LEU A 109 3.30 -7.06 15.69
C LEU A 109 3.24 -6.29 14.37
N PHE A 110 3.43 -7.00 13.26
CA PHE A 110 3.29 -6.43 11.92
C PHE A 110 2.95 -7.52 10.91
N SER A 111 2.37 -7.10 9.78
CA SER A 111 2.11 -7.99 8.66
C SER A 111 2.32 -7.19 7.37
N GLY A 112 2.89 -7.85 6.36
CA GLY A 112 3.16 -7.15 5.12
C GLY A 112 3.27 -8.10 3.95
N GLU A 113 2.66 -7.72 2.83
CA GLU A 113 2.80 -8.48 1.58
C GLU A 113 4.24 -8.45 1.10
N GLN A 114 4.62 -9.50 0.37
CA GLN A 114 5.91 -9.55 -0.28
C GLN A 114 5.76 -10.11 -1.68
N ILE A 115 6.63 -9.66 -2.59
CA ILE A 115 6.77 -10.32 -3.89
C ILE A 115 8.19 -10.87 -3.98
N HIS A 116 8.29 -12.13 -4.39
CA HIS A 116 9.56 -12.81 -4.61
C HIS A 116 9.67 -13.28 -6.06
N LEU A 117 10.86 -13.11 -6.64
CA LEU A 117 11.16 -13.50 -8.01
C LEU A 117 12.34 -14.45 -7.99
N LEU A 118 12.12 -15.64 -8.53
CA LEU A 118 13.09 -16.72 -8.43
C LEU A 118 13.46 -17.29 -9.80
N HIS A 119 14.75 -17.30 -10.11
CA HIS A 119 15.27 -17.89 -11.34
C HIS A 119 15.90 -19.25 -11.05
N PHE A 120 15.44 -20.28 -11.75
CA PHE A 120 16.02 -21.62 -11.64
C PHE A 120 17.15 -21.83 -12.66
N VAL A 121 18.25 -22.45 -12.20
CA VAL A 121 19.34 -22.91 -13.07
C VAL A 121 19.70 -24.29 -12.55
N ASP A 122 19.91 -25.24 -13.46
CA ASP A 122 20.24 -26.64 -13.10
C ASP A 122 19.23 -27.27 -12.13
N GLY A 123 17.95 -26.92 -12.28
CA GLY A 123 16.90 -27.45 -11.42
C GLY A 123 16.87 -26.89 -10.00
N LYS A 124 17.63 -25.82 -9.73
CA LYS A 124 17.71 -25.24 -8.39
C LYS A 124 17.55 -23.72 -8.39
N ILE A 125 17.14 -23.17 -7.24
CA ILE A 125 16.97 -21.71 -7.13
C ILE A 125 18.34 -21.05 -7.17
N HIS A 126 18.56 -20.28 -8.23
CA HIS A 126 19.84 -19.67 -8.55
C HIS A 126 19.90 -18.17 -8.26
N HIS A 127 18.79 -17.46 -8.48
CA HIS A 127 18.73 -16.04 -8.12
C HIS A 127 17.38 -15.73 -7.46
N HIS A 128 17.40 -14.87 -6.45
CA HIS A 128 16.24 -14.61 -5.60
C HIS A 128 16.20 -13.13 -5.29
N ARG A 129 15.13 -12.46 -5.72
CA ARG A 129 14.89 -11.07 -5.36
C ARG A 129 13.58 -11.02 -4.60
N ASP A 130 13.57 -10.24 -3.54
CA ASP A 130 12.35 -10.11 -2.77
C ASP A 130 12.07 -8.67 -2.34
N TRP A 131 10.80 -8.28 -2.47
CA TRP A 131 10.37 -6.96 -2.09
C TRP A 131 9.36 -7.01 -0.94
N PRO A 132 9.84 -6.79 0.29
CA PRO A 132 8.95 -6.55 1.43
C PRO A 132 8.17 -5.27 1.24
N ASP A 133 7.06 -5.15 1.96
CA ASP A 133 6.37 -3.86 2.08
C ASP A 133 7.06 -3.03 3.16
N TYR A 134 8.21 -2.44 2.82
CA TYR A 134 9.00 -1.71 3.83
C TYR A 134 8.19 -0.61 4.51
N GLN A 135 7.53 0.22 3.71
CA GLN A 135 6.81 1.36 4.25
C GLN A 135 5.63 0.96 5.15
N GLY A 136 4.87 -0.05 4.72
CA GLY A 136 3.73 -0.54 5.49
C GLY A 136 4.18 -1.14 6.80
N THR A 137 5.29 -1.88 6.78
CA THR A 137 5.86 -2.48 7.98
C THR A 137 6.40 -1.38 8.91
N TYR A 138 7.14 -0.45 8.33
CA TYR A 138 7.65 0.70 9.08
C TYR A 138 6.53 1.43 9.82
N ARG A 139 5.39 1.65 9.16
CA ARG A 139 4.23 2.25 9.82
C ARG A 139 3.76 1.41 11.00
N GLN A 140 3.57 0.11 10.80
CA GLN A 140 3.08 -0.77 11.88
C GLN A 140 4.05 -0.88 13.05
N LEU A 141 5.33 -0.59 12.80
CA LEU A 141 6.38 -0.60 13.83
C LEU A 141 6.46 0.73 14.59
N GLY A 142 5.58 1.68 14.27
CA GLY A 142 5.58 2.98 14.93
C GLY A 142 6.57 3.95 14.34
N GLU A 143 7.08 3.65 13.14
CA GLU A 143 8.09 4.46 12.47
C GLU A 143 9.24 4.88 13.40
N PRO A 144 9.97 3.90 13.95
CA PRO A 144 11.09 4.20 14.85
C PRO A 144 12.21 4.96 14.15
N TRP A 145 12.88 5.85 14.89
CA TRP A 145 14.08 6.51 14.40
C TRP A 145 15.26 5.59 14.67
N PRO A 146 16.20 5.51 13.75
CA PRO A 146 17.38 4.66 13.94
C PRO A 146 18.24 5.23 15.07
N GLU A 147 18.91 4.36 15.82
CA GLU A 147 19.77 4.81 16.91
C GLU A 147 21.22 4.92 16.45
N THR A 148 21.52 4.30 15.29
CA THR A 148 22.84 4.35 14.67
C THR A 148 22.76 3.97 13.18
N GLU A 149 23.78 4.36 12.39
CA GLU A 149 23.94 3.85 11.03
C GLU A 149 24.81 2.58 11.06
N HIS A 150 25.16 2.16 12.28
CA HIS A 150 26.09 1.06 12.60
C HIS A 150 27.56 1.52 12.65
N ARG B 10 15.74 27.83 10.73
CA ARG B 10 16.17 27.31 9.40
C ARG B 10 17.16 26.14 9.57
N SER B 11 16.68 24.93 9.31
CA SER B 11 17.51 23.73 9.39
C SER B 11 18.40 23.63 8.15
N GLU B 12 19.72 23.58 8.36
CA GLU B 12 20.65 23.37 7.24
C GLU B 12 20.59 21.93 6.75
N GLN B 13 20.31 21.00 7.65
CA GLN B 13 20.15 19.58 7.31
C GLN B 13 18.98 19.37 6.34
N ILE B 14 17.82 19.93 6.67
CA ILE B 14 16.64 19.85 5.80
C ILE B 14 16.89 20.56 4.47
N ALA B 15 17.57 21.71 4.51
CA ALA B 15 17.96 22.40 3.28
C ALA B 15 18.87 21.54 2.40
N ALA B 16 19.83 20.84 3.03
CA ALA B 16 20.71 19.92 2.30
C ALA B 16 19.93 18.75 1.66
N VAL B 17 18.95 18.21 2.39
CA VAL B 17 18.15 17.09 1.89
C VAL B 17 17.25 17.57 0.74
N ARG B 18 16.78 18.81 0.84
CA ARG B 18 16.02 19.41 -0.26
C ARG B 18 16.85 19.62 -1.54
N ARG B 19 18.16 19.91 -1.38
CA ARG B 19 19.04 20.03 -2.55
C ARG B 19 19.22 18.66 -3.18
N MET B 20 19.38 17.66 -2.31
CA MET B 20 19.45 16.27 -2.75
C MET B 20 18.22 15.89 -3.58
N VAL B 21 17.03 16.19 -3.07
CA VAL B 21 15.77 15.92 -3.80
C VAL B 21 15.77 16.63 -5.17
N GLU B 22 16.14 17.92 -5.18
CA GLU B 22 16.12 18.71 -6.42
C GLU B 22 17.10 18.19 -7.49
N ALA B 23 18.20 17.59 -7.04
CA ALA B 23 19.14 16.92 -7.93
C ALA B 23 18.49 15.82 -8.78
N TYR B 24 17.71 14.94 -8.16
CA TYR B 24 16.96 13.92 -8.91
C TYR B 24 16.01 14.58 -9.89
N ASN B 25 15.47 15.73 -9.49
CA ASN B 25 14.52 16.48 -10.30
C ASN B 25 15.15 17.18 -11.52
N THR B 26 16.24 17.92 -11.30
CA THR B 26 16.91 18.59 -12.42
C THR B 26 17.89 17.69 -13.15
N GLY B 27 18.43 16.70 -12.45
CA GLY B 27 19.50 15.89 -13.02
C GLY B 27 20.87 16.57 -12.94
N LYS B 28 20.97 17.62 -12.13
CA LYS B 28 22.21 18.38 -12.03
C LYS B 28 23.02 17.99 -10.79
N THR B 29 24.22 17.47 -11.03
CA THR B 29 25.03 16.88 -9.95
C THR B 29 26.43 17.49 -9.84
N ASP B 30 26.67 18.59 -10.54
CA ASP B 30 27.98 19.25 -10.51
C ASP B 30 28.40 19.67 -9.11
N ASP B 31 27.42 20.04 -8.27
CA ASP B 31 27.71 20.60 -6.95
C ASP B 31 27.52 19.63 -5.78
N VAL B 32 27.34 18.35 -6.06
CA VAL B 32 26.89 17.41 -5.01
C VAL B 32 27.87 17.28 -3.85
N ALA B 33 29.14 17.61 -4.11
CA ALA B 33 30.15 17.60 -3.06
C ALA B 33 29.84 18.56 -1.91
N ASP B 34 29.01 19.58 -2.16
CA ASP B 34 28.60 20.52 -1.10
C ASP B 34 27.81 19.88 0.02
N TYR B 35 26.99 18.88 -0.32
CA TYR B 35 26.07 18.31 0.64
C TYR B 35 26.15 16.77 0.79
N ILE B 36 26.93 16.12 -0.07
CA ILE B 36 27.16 14.68 0.02
C ILE B 36 28.55 14.39 0.61
N HIS B 37 28.60 13.65 1.72
CA HIS B 37 29.88 13.32 2.38
C HIS B 37 30.80 12.48 1.49
N PRO B 38 32.13 12.72 1.54
CA PRO B 38 33.09 11.87 0.81
C PRO B 38 32.89 10.37 1.01
N GLU B 39 32.46 9.94 2.20
CA GLU B 39 32.24 8.51 2.46
C GLU B 39 30.74 8.15 2.44
N TYR B 40 29.95 8.95 1.71
CA TYR B 40 28.52 8.69 1.53
C TYR B 40 28.28 7.27 1.03
N MET B 41 27.32 6.59 1.66
CA MET B 41 26.88 5.27 1.19
C MET B 41 25.35 5.16 1.14
N ASN B 42 24.85 4.54 0.09
CA ASN B 42 23.47 4.07 0.01
C ASN B 42 23.54 2.58 -0.23
N PRO B 43 23.23 1.79 0.80
CA PRO B 43 23.33 0.33 0.71
C PRO B 43 22.40 -0.28 -0.35
N GLY B 44 21.34 0.44 -0.72
CA GLY B 44 20.38 0.00 -1.72
C GLY B 44 20.94 -0.24 -3.11
N THR B 45 22.11 0.34 -3.44
CA THR B 45 22.69 0.17 -4.77
C THR B 45 23.97 -0.69 -4.81
N LEU B 46 24.27 -1.38 -3.71
CA LEU B 46 25.45 -2.27 -3.62
C LEU B 46 25.47 -3.34 -4.71
N GLU B 47 24.29 -3.76 -5.15
CA GLU B 47 24.17 -4.73 -6.25
C GLU B 47 24.75 -4.19 -7.56
N PHE B 48 24.70 -2.86 -7.72
CA PHE B 48 24.91 -2.24 -9.03
C PHE B 48 26.27 -1.52 -9.20
N THR B 49 26.91 -1.20 -8.08
CA THR B 49 28.07 -0.31 -8.09
C THR B 49 28.88 -0.39 -6.80
N SER B 50 30.19 -0.17 -6.90
CA SER B 50 31.06 -0.13 -5.72
C SER B 50 31.46 1.29 -5.36
N LEU B 51 30.90 2.27 -6.07
CA LEU B 51 31.20 3.68 -5.80
C LEU B 51 30.73 4.15 -4.43
N ARG B 52 31.37 5.20 -3.94
CA ARG B 52 31.00 5.88 -2.71
C ARG B 52 31.06 7.39 -2.90
N GLY B 53 30.60 8.12 -1.91
CA GLY B 53 30.69 9.58 -1.93
C GLY B 53 29.86 10.27 -2.99
N PRO B 54 30.23 11.53 -3.29
CA PRO B 54 29.54 12.34 -4.31
C PRO B 54 29.39 11.59 -5.63
N GLU B 55 30.32 10.71 -5.95
CA GLU B 55 30.29 9.97 -7.21
C GLU B 55 29.15 8.95 -7.22
N LEU B 56 28.93 8.31 -6.07
CA LEU B 56 27.85 7.33 -5.94
C LEU B 56 26.50 8.02 -6.08
N PHE B 57 26.33 9.12 -5.34
CA PHE B 57 25.11 9.91 -5.43
C PHE B 57 24.81 10.37 -6.86
N ALA B 58 25.84 10.84 -7.57
CA ALA B 58 25.66 11.36 -8.92
C ALA B 58 25.30 10.28 -9.95
N ILE B 59 25.89 9.10 -9.84
CA ILE B 59 25.56 8.02 -10.77
C ILE B 59 24.13 7.50 -10.53
N ASN B 60 23.69 7.54 -9.28
CA ASN B 60 22.34 7.10 -8.91
C ASN B 60 21.26 8.04 -9.45
N VAL B 61 21.49 9.35 -9.34
CA VAL B 61 20.64 10.35 -10.00
C VAL B 61 20.60 10.10 -11.51
N ALA B 62 21.77 9.90 -12.10
CA ALA B 62 21.84 9.64 -13.54
C ALA B 62 21.09 8.34 -13.90
N TRP B 63 21.20 7.32 -13.04
CA TRP B 63 20.43 6.09 -13.24
C TRP B 63 18.91 6.36 -13.29
N VAL B 64 18.41 7.14 -12.34
CA VAL B 64 16.98 7.48 -12.25
C VAL B 64 16.47 8.19 -13.51
N LYS B 65 17.21 9.22 -13.94
CA LYS B 65 16.86 9.98 -15.13
C LYS B 65 16.88 9.12 -16.38
N LYS B 66 17.86 8.22 -16.49
CA LYS B 66 17.97 7.31 -17.62
C LYS B 66 16.87 6.22 -17.64
N THR B 67 16.56 5.68 -16.47
CA THR B 67 15.63 4.53 -16.35
C THR B 67 14.16 4.93 -16.18
N PHE B 68 13.93 6.01 -15.44
CA PHE B 68 12.59 6.50 -15.14
C PHE B 68 12.25 7.77 -15.93
N SER B 69 13.13 8.11 -16.88
CA SER B 69 12.97 9.20 -17.85
C SER B 69 13.45 10.55 -17.32
N GLU B 70 13.79 11.46 -18.24
CA GLU B 70 14.19 12.81 -17.87
C GLU B 70 13.08 13.53 -17.12
N GLU B 71 11.82 13.11 -17.37
CA GLU B 71 10.67 13.71 -16.71
C GLU B 71 10.41 13.19 -15.29
N ALA B 72 11.20 12.21 -14.84
CA ALA B 72 11.05 11.66 -13.49
C ALA B 72 11.16 12.78 -12.47
N ARG B 73 10.22 12.80 -11.53
CA ARG B 73 10.18 13.81 -10.48
C ARG B 73 10.07 13.16 -9.10
N LEU B 74 10.73 13.78 -8.11
CA LEU B 74 10.53 13.43 -6.71
C LEU B 74 9.83 14.58 -6.02
N GLU B 75 8.63 14.31 -5.47
CA GLU B 75 7.86 15.33 -4.76
C GLU B 75 7.92 15.15 -3.26
N GLU B 76 8.10 16.27 -2.55
CA GLU B 76 8.17 16.25 -1.10
C GLU B 76 6.76 16.25 -0.51
N VAL B 77 6.51 15.32 0.41
CA VAL B 77 5.28 15.34 1.18
C VAL B 77 5.56 16.01 2.52
N GLY B 78 6.69 15.64 3.11
CA GLY B 78 7.08 16.18 4.40
C GLY B 78 8.47 15.68 4.73
N ILE B 79 9.15 16.45 5.60
CA ILE B 79 10.50 16.15 6.00
C ILE B 79 10.58 16.50 7.49
N GLU B 80 11.08 15.57 8.29
CA GLU B 80 11.32 15.86 9.70
C GLU B 80 12.78 15.55 10.01
N GLU B 81 13.24 16.09 11.13
CA GLU B 81 14.60 15.83 11.58
C GLU B 81 14.61 15.55 13.06
N ARG B 82 15.60 14.78 13.48
CA ARG B 82 15.79 14.42 14.87
C ARG B 82 17.29 14.27 15.07
N ALA B 83 17.89 15.25 15.76
CA ALA B 83 19.34 15.32 15.94
C ALA B 83 20.07 15.35 14.59
N ASP B 84 20.99 14.42 14.38
CA ASP B 84 21.77 14.33 13.14
C ASP B 84 21.09 13.47 12.06
N TRP B 85 19.77 13.27 12.18
CA TRP B 85 19.03 12.42 11.26
C TRP B 85 17.88 13.18 10.63
N VAL B 86 17.64 12.87 9.36
CA VAL B 86 16.51 13.44 8.63
C VAL B 86 15.69 12.30 8.02
N ARG B 87 14.37 12.40 8.12
CA ARG B 87 13.45 11.45 7.51
C ARG B 87 12.58 12.21 6.51
N ALA B 88 12.59 11.76 5.26
CA ALA B 88 11.83 12.44 4.20
C ALA B 88 10.75 11.50 3.64
N ARG B 89 9.53 12.03 3.56
CA ARG B 89 8.44 11.32 2.93
C ARG B 89 8.31 11.96 1.56
N LEU B 90 8.60 11.16 0.52
CA LEU B 90 8.61 11.64 -0.84
C LEU B 90 7.73 10.75 -1.72
N VAL B 91 7.48 11.23 -2.94
CA VAL B 91 6.77 10.45 -3.94
C VAL B 91 7.52 10.56 -5.27
N LEU B 92 7.80 9.42 -5.86
CA LEU B 92 8.50 9.36 -7.14
C LEU B 92 7.47 9.20 -8.25
N TYR B 93 7.61 10.01 -9.30
CA TYR B 93 6.78 9.89 -10.50
C TYR B 93 7.72 9.62 -11.64
N GLY B 94 7.35 8.70 -12.52
CA GLY B 94 8.22 8.38 -13.64
C GLY B 94 7.54 7.54 -14.68
N ARG B 95 8.32 7.21 -15.71
CA ARG B 95 7.90 6.24 -16.70
C ARG B 95 9.07 5.29 -16.90
N HIS B 96 8.78 4.01 -16.96
CA HIS B 96 9.81 2.99 -17.03
C HIS B 96 10.31 2.85 -18.47
N VAL B 97 11.47 3.48 -18.74
CA VAL B 97 11.99 3.53 -20.12
C VAL B 97 13.37 2.88 -20.30
N GLY B 98 13.98 2.42 -19.21
CA GLY B 98 15.24 1.70 -19.28
C GLY B 98 15.22 0.33 -18.62
N GLU B 99 16.15 -0.53 -18.98
CA GLU B 99 16.33 -1.83 -18.31
C GLU B 99 16.51 -1.66 -16.79
N MET B 100 15.93 -2.59 -16.06
CA MET B 100 15.91 -2.50 -14.60
C MET B 100 15.86 -3.93 -14.08
N VAL B 101 16.86 -4.28 -13.27
CA VAL B 101 17.01 -5.64 -12.70
C VAL B 101 16.67 -6.78 -13.66
N GLY B 102 17.13 -6.65 -14.91
CA GLY B 102 16.94 -7.70 -15.89
C GLY B 102 15.55 -7.71 -16.53
N MET B 103 14.76 -6.68 -16.28
CA MET B 103 13.48 -6.51 -16.96
C MET B 103 13.64 -5.51 -18.09
N ALA B 104 13.14 -5.87 -19.26
CA ALA B 104 13.01 -4.92 -20.37
C ALA B 104 12.13 -3.75 -19.93
N PRO B 105 12.36 -2.57 -20.48
CA PRO B 105 11.50 -1.41 -20.20
C PRO B 105 10.03 -1.72 -20.58
N THR B 106 9.10 -1.33 -19.72
CA THR B 106 7.68 -1.59 -19.95
C THR B 106 6.98 -0.38 -20.56
N GLY B 107 7.67 0.77 -20.56
CA GLY B 107 7.07 2.01 -21.04
C GLY B 107 5.94 2.53 -20.17
N ARG B 108 5.83 1.95 -18.96
CA ARG B 108 4.71 2.23 -18.04
C ARG B 108 4.94 3.43 -17.13
N LEU B 109 3.93 4.29 -17.04
CA LEU B 109 3.88 5.33 -16.01
C LEU B 109 3.71 4.69 -14.63
N PHE B 110 4.26 5.32 -13.60
CA PHE B 110 4.10 4.82 -12.24
C PHE B 110 4.33 5.96 -11.28
N SER B 111 3.80 5.79 -10.07
CA SER B 111 4.10 6.71 -8.99
C SER B 111 4.07 5.93 -7.68
N GLY B 112 5.05 6.18 -6.83
CA GLY B 112 5.11 5.48 -5.56
C GLY B 112 5.70 6.32 -4.46
N GLU B 113 5.09 6.26 -3.29
CA GLU B 113 5.64 6.89 -2.10
C GLU B 113 7.00 6.26 -1.77
N GLN B 114 7.87 7.05 -1.15
CA GLN B 114 9.17 6.58 -0.70
C GLN B 114 9.44 7.13 0.68
N ILE B 115 10.16 6.36 1.50
CA ILE B 115 10.67 6.88 2.76
C ILE B 115 12.20 6.89 2.64
N HIS B 116 12.81 8.00 3.05
CA HIS B 116 14.27 8.15 2.99
C HIS B 116 14.79 8.49 4.39
N LEU B 117 15.85 7.81 4.80
CA LEU B 117 16.47 8.06 6.10
C LEU B 117 17.89 8.53 5.82
N LEU B 118 18.23 9.71 6.33
CA LEU B 118 19.54 10.34 6.07
C LEU B 118 20.27 10.61 7.37
N HIS B 119 21.49 10.11 7.48
CA HIS B 119 22.36 10.42 8.60
C HIS B 119 23.42 11.46 8.18
N PHE B 120 23.49 12.55 8.93
CA PHE B 120 24.49 13.60 8.67
C PHE B 120 25.72 13.40 9.53
N VAL B 121 26.89 13.55 8.90
CA VAL B 121 28.19 13.59 9.59
C VAL B 121 28.96 14.78 8.98
N ASP B 122 29.64 15.55 9.82
CA ASP B 122 30.43 16.72 9.37
C ASP B 122 29.62 17.69 8.53
N GLY B 123 28.33 17.80 8.82
CA GLY B 123 27.43 18.68 8.09
C GLY B 123 27.04 18.26 6.67
N LYS B 124 27.37 17.01 6.29
CA LYS B 124 27.03 16.46 4.97
C LYS B 124 26.33 15.09 5.08
N ILE B 125 25.59 14.71 4.03
CA ILE B 125 24.87 13.42 4.06
C ILE B 125 25.85 12.25 3.94
N HIS B 126 25.89 11.42 4.98
CA HIS B 126 26.89 10.36 5.12
C HIS B 126 26.33 8.95 4.87
N HIS B 127 25.12 8.69 5.36
CA HIS B 127 24.41 7.43 5.11
C HIS B 127 23.02 7.77 4.57
N HIS B 128 22.55 6.97 3.62
CA HIS B 128 21.29 7.21 2.93
C HIS B 128 20.61 5.85 2.72
N ARG B 129 19.43 5.65 3.32
CA ARG B 129 18.62 4.46 3.04
C ARG B 129 17.32 4.94 2.44
N ASP B 130 16.86 4.25 1.41
CA ASP B 130 15.53 4.59 0.90
C ASP B 130 14.69 3.38 0.59
N TRP B 131 13.39 3.52 0.83
CA TRP B 131 12.44 2.46 0.62
C TRP B 131 11.41 2.91 -0.40
N PRO B 132 11.62 2.56 -1.67
CA PRO B 132 10.58 2.73 -2.70
C PRO B 132 9.39 1.85 -2.35
N ASP B 133 8.23 2.20 -2.91
CA ASP B 133 7.09 1.28 -2.88
C ASP B 133 7.27 0.27 -4.02
N TYR B 134 8.15 -0.72 -3.82
CA TYR B 134 8.44 -1.70 -4.87
C TYR B 134 7.18 -2.39 -5.41
N GLN B 135 6.35 -2.92 -4.52
CA GLN B 135 5.21 -3.74 -4.97
C GLN B 135 4.19 -2.88 -5.69
N GLY B 136 3.93 -1.69 -5.16
CA GLY B 136 2.96 -0.78 -5.77
C GLY B 136 3.44 -0.39 -7.16
N THR B 137 4.74 -0.09 -7.28
CA THR B 137 5.34 0.27 -8.56
C THR B 137 5.26 -0.90 -9.55
N TYR B 138 5.67 -2.08 -9.09
CA TYR B 138 5.66 -3.28 -9.90
C TYR B 138 4.25 -3.58 -10.46
N ARG B 139 3.22 -3.37 -9.64
CA ARG B 139 1.83 -3.51 -10.12
C ARG B 139 1.56 -2.54 -11.26
N GLN B 140 1.92 -1.28 -11.06
CA GLN B 140 1.74 -0.24 -12.09
C GLN B 140 2.55 -0.50 -13.36
N LEU B 141 3.65 -1.23 -13.23
CA LEU B 141 4.45 -1.66 -14.37
C LEU B 141 3.84 -2.83 -15.16
N GLY B 142 2.67 -3.30 -14.74
CA GLY B 142 2.08 -4.49 -15.33
C GLY B 142 2.72 -5.80 -14.87
N GLU B 143 3.44 -5.75 -13.75
CA GLU B 143 4.13 -6.95 -13.20
C GLU B 143 4.98 -7.75 -14.22
N PRO B 144 5.96 -7.10 -14.86
CA PRO B 144 6.75 -7.76 -15.91
C PRO B 144 7.57 -8.93 -15.37
N TRP B 145 7.72 -9.97 -16.20
CA TRP B 145 8.68 -11.04 -15.94
C TRP B 145 10.07 -10.61 -16.44
N PRO B 146 11.09 -10.90 -15.66
CA PRO B 146 12.47 -10.65 -16.08
C PRO B 146 12.85 -11.47 -17.32
N GLU B 147 13.70 -10.92 -18.17
CA GLU B 147 14.25 -11.70 -19.28
C GLU B 147 15.60 -12.33 -18.90
N THR B 148 16.24 -11.78 -17.86
CA THR B 148 17.52 -12.28 -17.37
C THR B 148 17.77 -11.93 -15.90
N GLU B 149 18.62 -12.71 -15.24
CA GLU B 149 19.10 -12.34 -13.91
C GLU B 149 20.41 -11.55 -14.05
N HIS B 150 20.92 -11.54 -15.27
CA HIS B 150 22.19 -10.92 -15.62
C HIS B 150 23.39 -11.83 -15.31
N ARG C 10 -4.10 12.08 30.73
CA ARG C 10 -5.11 11.11 30.23
C ARG C 10 -6.16 11.77 29.32
N SER C 11 -6.64 11.01 28.34
CA SER C 11 -7.71 11.47 27.45
C SER C 11 -8.90 10.52 27.50
N GLU C 12 -10.07 11.07 27.81
CA GLU C 12 -11.30 10.28 27.83
C GLU C 12 -11.71 9.87 26.41
N GLN C 13 -11.39 10.71 25.43
CA GLN C 13 -11.73 10.47 24.04
C GLN C 13 -10.97 9.25 23.51
N ILE C 14 -9.66 9.23 23.74
CA ILE C 14 -8.83 8.09 23.35
C ILE C 14 -9.27 6.82 24.10
N ALA C 15 -9.57 6.95 25.39
CA ALA C 15 -10.14 5.84 26.15
C ALA C 15 -11.42 5.31 25.50
N ALA C 16 -12.31 6.21 25.10
CA ALA C 16 -13.57 5.80 24.46
C ALA C 16 -13.31 5.09 23.11
N VAL C 17 -12.34 5.58 22.34
CA VAL C 17 -11.99 4.94 21.06
C VAL C 17 -11.38 3.55 21.29
N ARG C 18 -10.61 3.41 22.37
CA ARG C 18 -10.07 2.08 22.72
C ARG C 18 -11.15 1.09 23.14
N ARG C 19 -12.24 1.58 23.74
CA ARG C 19 -13.38 0.72 24.08
C ARG C 19 -14.08 0.25 22.81
N MET C 20 -14.18 1.16 21.85
CA MET C 20 -14.73 0.85 20.53
C MET C 20 -13.91 -0.28 19.87
N VAL C 21 -12.59 -0.14 19.87
CA VAL C 21 -11.68 -1.16 19.31
C VAL C 21 -11.88 -2.51 20.03
N GLU C 22 -11.95 -2.47 21.35
CA GLU C 22 -12.12 -3.72 22.12
C GLU C 22 -13.46 -4.43 21.81
N ALA C 23 -14.50 -3.66 21.54
CA ALA C 23 -15.79 -4.24 21.15
C ALA C 23 -15.66 -5.10 19.86
N TYR C 24 -14.93 -4.61 18.87
CA TYR C 24 -14.64 -5.43 17.66
C TYR C 24 -13.91 -6.71 18.03
N ASN C 25 -12.94 -6.60 18.95
CA ASN C 25 -12.09 -7.73 19.34
C ASN C 25 -12.82 -8.81 20.15
N THR C 26 -13.60 -8.39 21.14
CA THR C 26 -14.35 -9.33 21.99
C THR C 26 -15.71 -9.71 21.41
N GLY C 27 -16.26 -8.85 20.56
CA GLY C 27 -17.63 -9.01 20.12
C GLY C 27 -18.66 -8.63 21.18
N LYS C 28 -18.21 -8.03 22.29
CA LYS C 28 -19.10 -7.68 23.40
C LYS C 28 -19.61 -6.25 23.24
N THR C 29 -20.94 -6.10 23.12
CA THR C 29 -21.55 -4.80 22.77
C THR C 29 -22.64 -4.35 23.73
N ASP C 30 -22.74 -5.01 24.88
CA ASP C 30 -23.75 -4.69 25.89
C ASP C 30 -23.75 -3.23 26.30
N ASP C 31 -22.55 -2.66 26.41
CA ASP C 31 -22.33 -1.32 26.96
C ASP C 31 -22.09 -0.22 25.90
N VAL C 32 -22.42 -0.48 24.63
CA VAL C 32 -22.01 0.44 23.56
C VAL C 32 -22.62 1.83 23.67
N ALA C 33 -23.85 1.90 24.18
CA ALA C 33 -24.50 3.18 24.45
C ALA C 33 -23.70 4.12 25.35
N ASP C 34 -22.70 3.59 26.07
CA ASP C 34 -21.82 4.43 26.92
C ASP C 34 -20.96 5.41 26.12
N TYR C 35 -20.57 5.01 24.91
CA TYR C 35 -19.57 5.77 24.18
C TYR C 35 -19.94 6.02 22.72
N ILE C 36 -20.99 5.35 22.25
CA ILE C 36 -21.52 5.59 20.92
C ILE C 36 -22.74 6.52 21.03
N HIS C 37 -22.66 7.66 20.33
CA HIS C 37 -23.73 8.67 20.31
C HIS C 37 -25.03 8.08 19.72
N PRO C 38 -26.19 8.48 20.24
CA PRO C 38 -27.46 8.11 19.59
C PRO C 38 -27.54 8.52 18.10
N GLU C 39 -26.88 9.61 17.70
CA GLU C 39 -26.85 10.02 16.30
C GLU C 39 -25.63 9.47 15.53
N TYR C 40 -24.88 8.55 16.15
CA TYR C 40 -23.71 7.94 15.53
C TYR C 40 -23.98 7.53 14.08
N MET C 41 -23.08 7.93 13.20
CA MET C 41 -23.11 7.51 11.81
C MET C 41 -21.72 7.08 11.34
N ASN C 42 -21.70 5.98 10.59
CA ASN C 42 -20.54 5.60 9.81
C ASN C 42 -21.01 5.47 8.37
N PRO C 43 -20.61 6.43 7.52
CA PRO C 43 -21.11 6.47 6.14
C PRO C 43 -20.68 5.27 5.29
N GLY C 44 -19.61 4.59 5.73
CA GLY C 44 -19.12 3.41 5.06
C GLY C 44 -20.08 2.21 4.99
N THR C 45 -21.10 2.18 5.85
CA THR C 45 -22.07 1.08 5.78
C THR C 45 -23.47 1.47 5.28
N LEU C 46 -23.58 2.67 4.72
CA LEU C 46 -24.86 3.14 4.18
C LEU C 46 -25.46 2.18 3.16
N GLU C 47 -24.59 1.49 2.42
CA GLU C 47 -25.02 0.51 1.44
C GLU C 47 -25.81 -0.65 2.07
N PHE C 48 -25.48 -0.98 3.32
CA PHE C 48 -25.93 -2.24 3.93
C PHE C 48 -27.07 -2.07 4.93
N THR C 49 -27.24 -0.85 5.42
CA THR C 49 -28.17 -0.62 6.52
C THR C 49 -28.54 0.85 6.68
N SER C 50 -29.71 1.10 7.27
CA SER C 50 -30.17 2.45 7.56
C SER C 50 -30.09 2.77 9.06
N LEU C 51 -29.49 1.86 9.84
CA LEU C 51 -29.35 2.04 11.27
C LEU C 51 -28.45 3.22 11.64
N ARG C 52 -28.68 3.76 12.82
CA ARG C 52 -27.81 4.76 13.41
C ARG C 52 -27.52 4.44 14.88
N GLY C 53 -26.68 5.24 15.51
CA GLY C 53 -26.45 5.14 16.95
C GLY C 53 -25.78 3.86 17.43
N PRO C 54 -25.91 3.54 18.71
CA PRO C 54 -25.32 2.31 19.27
C PRO C 54 -25.82 1.05 18.54
N GLU C 55 -27.06 1.10 18.06
CA GLU C 55 -27.68 0.03 17.28
C GLU C 55 -26.87 -0.27 16.01
N LEU C 56 -26.54 0.78 15.24
CA LEU C 56 -25.67 0.62 14.07
C LEU C 56 -24.32 -0.01 14.46
N PHE C 57 -23.73 0.50 15.53
CA PHE C 57 -22.40 0.04 15.90
C PHE C 57 -22.40 -1.44 16.28
N ALA C 58 -23.36 -1.84 17.13
CA ALA C 58 -23.49 -3.24 17.54
C ALA C 58 -23.70 -4.19 16.34
N ILE C 59 -24.48 -3.74 15.35
CA ILE C 59 -24.67 -4.56 14.15
C ILE C 59 -23.38 -4.73 13.36
N ASN C 60 -22.61 -3.65 13.23
CA ASN C 60 -21.35 -3.66 12.50
C ASN C 60 -20.31 -4.56 13.17
N VAL C 61 -20.22 -4.48 14.49
CA VAL C 61 -19.39 -5.40 15.27
C VAL C 61 -19.78 -6.86 15.00
N ALA C 62 -21.08 -7.17 15.07
CA ALA C 62 -21.56 -8.52 14.81
C ALA C 62 -21.27 -8.98 13.38
N TRP C 63 -21.45 -8.07 12.42
CA TRP C 63 -21.07 -8.34 11.02
C TRP C 63 -19.58 -8.73 10.89
N VAL C 64 -18.68 -7.96 11.52
CA VAL C 64 -17.24 -8.26 11.50
C VAL C 64 -16.91 -9.66 12.05
N LYS C 65 -17.47 -9.98 13.21
CA LYS C 65 -17.27 -11.28 13.84
C LYS C 65 -17.79 -12.44 13.00
N LYS C 66 -18.94 -12.25 12.37
CA LYS C 66 -19.53 -13.28 11.53
C LYS C 66 -18.77 -13.47 10.21
N THR C 67 -18.28 -12.37 9.64
CA THR C 67 -17.68 -12.40 8.31
C THR C 67 -16.16 -12.65 8.32
N PHE C 68 -15.47 -12.09 9.31
CA PHE C 68 -14.02 -12.19 9.38
C PHE C 68 -13.61 -13.17 10.49
N SER C 69 -14.59 -13.94 10.99
CA SER C 69 -14.44 -14.95 12.06
C SER C 69 -14.42 -14.32 13.46
N GLU C 70 -14.77 -15.14 14.47
CA GLU C 70 -14.74 -14.71 15.88
C GLU C 70 -13.33 -14.30 16.33
N GLU C 71 -12.31 -14.82 15.64
CA GLU C 71 -10.92 -14.44 15.93
C GLU C 71 -10.47 -13.12 15.28
N ALA C 72 -11.36 -12.46 14.54
CA ALA C 72 -11.00 -11.19 13.89
C ALA C 72 -10.58 -10.16 14.94
N ARG C 73 -9.53 -9.41 14.64
CA ARG C 73 -8.87 -8.55 15.63
C ARG C 73 -8.39 -7.24 15.02
N LEU C 74 -8.58 -6.15 15.77
CA LEU C 74 -8.01 -4.85 15.45
C LEU C 74 -6.88 -4.56 16.43
N GLU C 75 -5.67 -4.46 15.90
CA GLU C 75 -4.50 -4.13 16.68
C GLU C 75 -4.23 -2.64 16.56
N GLU C 76 -3.85 -2.01 17.67
CA GLU C 76 -3.56 -0.58 17.70
C GLU C 76 -2.09 -0.30 17.34
N VAL C 77 -1.87 0.56 16.34
CA VAL C 77 -0.54 1.05 15.99
C VAL C 77 -0.30 2.36 16.74
N GLY C 78 -1.28 3.27 16.62
CA GLY C 78 -1.22 4.56 17.30
C GLY C 78 -2.55 5.29 17.23
N ILE C 79 -2.78 6.14 18.22
CA ILE C 79 -3.98 6.97 18.27
C ILE C 79 -3.58 8.39 18.66
N GLU C 80 -4.04 9.36 17.89
CA GLU C 80 -3.84 10.76 18.24
C GLU C 80 -5.16 11.52 18.26
N GLU C 81 -5.14 12.69 18.91
CA GLU C 81 -6.34 13.50 19.03
C GLU C 81 -6.03 14.97 18.79
N ARG C 82 -7.02 15.71 18.33
CA ARG C 82 -6.93 17.14 18.12
C ARG C 82 -8.32 17.68 18.35
N ALA C 83 -8.46 18.47 19.43
CA ALA C 83 -9.77 18.95 19.90
C ALA C 83 -10.79 17.81 20.05
N ASP C 84 -11.95 17.96 19.41
CA ASP C 84 -13.03 16.97 19.46
C ASP C 84 -12.87 15.79 18.44
N TRP C 85 -11.69 15.66 17.85
CA TRP C 85 -11.43 14.65 16.81
C TRP C 85 -10.35 13.68 17.24
N VAL C 86 -10.53 12.41 16.89
CA VAL C 86 -9.53 11.39 17.17
C VAL C 86 -9.20 10.67 15.85
N ARG C 87 -7.91 10.39 15.65
CA ARG C 87 -7.43 9.61 14.52
C ARG C 87 -6.68 8.37 15.02
N ALA C 88 -7.18 7.20 14.61
CA ALA C 88 -6.61 5.92 14.98
C ALA C 88 -6.01 5.19 13.80
N ARG C 89 -4.79 4.68 14.02
CA ARG C 89 -4.10 3.83 13.05
C ARG C 89 -4.16 2.43 13.63
N LEU C 90 -4.88 1.55 12.94
CA LEU C 90 -5.15 0.21 13.42
C LEU C 90 -4.80 -0.76 12.30
N VAL C 91 -4.73 -2.06 12.63
CA VAL C 91 -4.55 -3.12 11.63
C VAL C 91 -5.57 -4.23 11.91
N LEU C 92 -6.39 -4.54 10.91
CA LEU C 92 -7.37 -5.61 11.01
C LEU C 92 -6.75 -6.94 10.60
N TYR C 93 -6.98 -7.98 11.39
CA TYR C 93 -6.61 -9.35 11.06
C TYR C 93 -7.87 -10.22 11.04
N GLY C 94 -8.01 -11.08 10.04
CA GLY C 94 -9.13 -12.00 10.01
C GLY C 94 -9.01 -13.15 9.04
N ARG C 95 -10.09 -13.92 8.93
CA ARG C 95 -10.22 -14.90 7.85
C ARG C 95 -11.58 -14.73 7.20
N HIS C 96 -11.59 -14.66 5.88
CA HIS C 96 -12.82 -14.37 5.14
C HIS C 96 -13.73 -15.61 5.11
N VAL C 97 -14.68 -15.67 6.03
CA VAL C 97 -15.51 -16.88 6.20
C VAL C 97 -17.01 -16.66 5.93
N GLY C 98 -17.39 -15.41 5.65
CA GLY C 98 -18.77 -15.10 5.29
C GLY C 98 -18.86 -14.28 4.01
N GLU C 99 -20.04 -14.27 3.41
CA GLU C 99 -20.32 -13.50 2.20
C GLU C 99 -20.03 -12.03 2.44
N MET C 100 -19.49 -11.36 1.43
CA MET C 100 -19.26 -9.93 1.56
C MET C 100 -19.31 -9.27 0.19
N VAL C 101 -20.09 -8.20 0.09
CA VAL C 101 -20.39 -7.51 -1.19
C VAL C 101 -20.58 -8.48 -2.38
N GLY C 102 -21.35 -9.53 -2.17
CA GLY C 102 -21.67 -10.48 -3.24
C GLY C 102 -20.53 -11.42 -3.62
N MET C 103 -19.50 -11.48 -2.78
CA MET C 103 -18.42 -12.43 -2.97
C MET C 103 -18.59 -13.58 -1.98
N ALA C 104 -18.52 -14.81 -2.47
CA ALA C 104 -18.54 -15.99 -1.60
C ALA C 104 -17.30 -16.01 -0.71
N PRO C 105 -17.42 -16.66 0.46
CA PRO C 105 -16.27 -16.87 1.35
C PRO C 105 -15.06 -17.46 0.61
N THR C 106 -13.90 -16.85 0.79
CA THR C 106 -12.66 -17.38 0.19
C THR C 106 -11.86 -18.23 1.15
N GLY C 107 -12.22 -18.22 2.43
CA GLY C 107 -11.47 -18.92 3.46
C GLY C 107 -10.06 -18.33 3.69
N ARG C 108 -9.80 -17.15 3.13
CA ARG C 108 -8.46 -16.56 3.14
C ARG C 108 -8.13 -15.72 4.39
N LEU C 109 -6.98 -16.02 5.00
CA LEU C 109 -6.37 -15.10 5.96
C LEU C 109 -6.05 -13.76 5.31
N PHE C 110 -6.15 -12.69 6.08
CA PHE C 110 -5.75 -11.39 5.60
C PHE C 110 -5.44 -10.48 6.76
N SER C 111 -4.68 -9.43 6.47
CA SER C 111 -4.39 -8.37 7.40
C SER C 111 -4.18 -7.09 6.61
N GLY C 112 -4.73 -6.00 7.13
CA GLY C 112 -4.62 -4.72 6.46
C GLY C 112 -4.74 -3.55 7.42
N GLU C 113 -3.89 -2.55 7.20
CA GLU C 113 -3.93 -1.31 7.96
C GLU C 113 -5.24 -0.60 7.72
N GLN C 114 -5.67 0.16 8.73
CA GLN C 114 -6.88 0.98 8.63
C GLN C 114 -6.61 2.33 9.26
N ILE C 115 -7.22 3.36 8.69
CA ILE C 115 -7.26 4.68 9.32
C ILE C 115 -8.70 4.98 9.70
N HIS C 116 -8.92 5.35 10.95
CA HIS C 116 -10.22 5.75 11.45
C HIS C 116 -10.19 7.20 11.92
N LEU C 117 -11.23 7.97 11.55
CA LEU C 117 -11.44 9.33 12.00
C LEU C 117 -12.77 9.39 12.78
N LEU C 118 -12.71 9.83 14.02
CA LEU C 118 -13.87 9.88 14.91
C LEU C 118 -14.10 11.31 15.40
N HIS C 119 -15.33 11.80 15.26
CA HIS C 119 -15.71 13.09 15.80
C HIS C 119 -16.54 12.90 17.07
N PHE C 120 -16.08 13.48 18.18
CA PHE C 120 -16.84 13.47 19.42
C PHE C 120 -17.83 14.64 19.49
N VAL C 121 -19.05 14.34 19.93
CA VAL C 121 -20.08 15.34 20.23
C VAL C 121 -20.78 14.88 21.52
N ASP C 122 -20.97 15.80 22.47
CA ASP C 122 -21.64 15.51 23.73
C ASP C 122 -20.94 14.37 24.49
N GLY C 123 -19.62 14.27 24.32
CA GLY C 123 -18.81 13.26 25.02
C GLY C 123 -18.86 11.86 24.42
N LYS C 124 -19.51 11.71 23.27
CA LYS C 124 -19.65 10.38 22.65
C LYS C 124 -19.25 10.39 21.18
N ILE C 125 -18.86 9.22 20.66
CA ILE C 125 -18.49 9.12 19.25
C ILE C 125 -19.71 9.36 18.37
N HIS C 126 -19.65 10.42 17.57
CA HIS C 126 -20.80 10.94 16.84
C HIS C 126 -20.70 10.70 15.33
N HIS C 127 -19.48 10.85 14.79
CA HIS C 127 -19.25 10.51 13.40
C HIS C 127 -17.99 9.65 13.30
N HIS C 128 -18.02 8.65 12.43
CA HIS C 128 -16.96 7.66 12.35
C HIS C 128 -16.71 7.32 10.89
N ARG C 129 -15.52 7.68 10.41
CA ARG C 129 -15.11 7.32 9.06
C ARG C 129 -13.96 6.34 9.15
N ASP C 130 -14.04 5.26 8.38
CA ASP C 130 -12.90 4.37 8.37
C ASP C 130 -12.49 3.93 6.98
N TRP C 131 -11.17 3.85 6.80
CA TRP C 131 -10.59 3.46 5.53
C TRP C 131 -9.80 2.17 5.68
N PRO C 132 -10.42 1.03 5.36
CA PRO C 132 -9.69 -0.24 5.23
C PRO C 132 -8.67 -0.13 4.09
N ASP C 133 -7.68 -1.02 4.08
CA ASP C 133 -6.83 -1.20 2.92
C ASP C 133 -7.54 -2.17 1.97
N TYR C 134 -8.51 -1.66 1.21
CA TYR C 134 -9.37 -2.55 0.40
C TYR C 134 -8.53 -3.34 -0.58
N GLN C 135 -7.69 -2.63 -1.33
CA GLN C 135 -6.91 -3.27 -2.39
C GLN C 135 -5.92 -4.29 -1.84
N GLY C 136 -5.25 -3.91 -0.75
CA GLY C 136 -4.30 -4.80 -0.08
C GLY C 136 -5.00 -6.07 0.40
N THR C 137 -6.19 -5.91 0.96
CA THR C 137 -6.95 -7.04 1.48
C THR C 137 -7.43 -7.92 0.32
N TYR C 138 -7.95 -7.26 -0.72
CA TYR C 138 -8.45 -7.92 -1.91
C TYR C 138 -7.40 -8.83 -2.55
N ARG C 139 -6.16 -8.36 -2.62
CA ARG C 139 -5.03 -9.18 -3.08
C ARG C 139 -4.86 -10.44 -2.23
N GLN C 140 -4.86 -10.26 -0.91
CA GLN C 140 -4.69 -11.36 0.05
C GLN C 140 -5.85 -12.38 0.01
N LEU C 141 -7.01 -11.92 -0.44
CA LEU C 141 -8.19 -12.79 -0.63
C LEU C 141 -8.14 -13.57 -1.94
N GLY C 142 -7.05 -13.39 -2.72
CA GLY C 142 -6.96 -13.99 -4.03
C GLY C 142 -7.78 -13.27 -5.10
N GLU C 143 -8.16 -12.01 -4.86
CA GLU C 143 -8.91 -11.20 -5.84
C GLU C 143 -10.16 -11.93 -6.39
N PRO C 144 -11.08 -12.30 -5.51
CA PRO C 144 -12.26 -13.05 -5.94
C PRO C 144 -13.18 -12.22 -6.83
N TRP C 145 -13.86 -12.88 -7.77
CA TRP C 145 -14.91 -12.24 -8.54
C TRP C 145 -16.23 -12.37 -7.79
N PRO C 146 -17.04 -11.31 -7.78
CA PRO C 146 -18.39 -11.37 -7.22
C PRO C 146 -19.26 -12.37 -7.96
N GLU C 147 -20.12 -13.06 -7.23
CA GLU C 147 -21.06 -13.99 -7.84
C GLU C 147 -22.40 -13.28 -8.10
N THR C 148 -22.55 -12.09 -7.50
CA THR C 148 -23.80 -11.31 -7.54
C THR C 148 -23.58 -9.86 -7.09
N GLU C 149 -24.44 -8.96 -7.56
CA GLU C 149 -24.43 -7.58 -7.12
C GLU C 149 -25.43 -7.36 -5.98
N HIS C 150 -26.22 -8.38 -5.68
CA HIS C 150 -27.18 -8.35 -4.57
C HIS C 150 -26.64 -9.03 -3.30
N ARG C 151 -27.43 -9.93 -2.73
CA ARG C 151 -27.24 -10.41 -1.35
C ARG C 151 -26.19 -11.52 -1.04
N ARG C 152 -26.16 -12.69 -1.68
CA ARG C 152 -26.85 -13.12 -2.92
C ARG C 152 -28.36 -13.04 -2.92
N SER D 11 -14.25 -7.06 -26.94
CA SER D 11 -15.26 -7.01 -25.84
C SER D 11 -15.94 -5.65 -25.78
N GLU D 12 -17.26 -5.65 -25.91
CA GLU D 12 -18.03 -4.41 -25.81
C GLU D 12 -18.07 -3.90 -24.38
N GLN D 13 -18.02 -4.83 -23.43
CA GLN D 13 -18.02 -4.51 -22.00
C GLN D 13 -16.77 -3.70 -21.64
N ILE D 14 -15.61 -4.21 -22.04
CA ILE D 14 -14.35 -3.52 -21.79
C ILE D 14 -14.32 -2.16 -22.49
N ALA D 15 -14.81 -2.11 -23.73
CA ALA D 15 -14.96 -0.85 -24.46
C ALA D 15 -15.83 0.13 -23.68
N ALA D 16 -16.95 -0.34 -23.15
CA ALA D 16 -17.84 0.52 -22.37
C ALA D 16 -17.14 1.06 -21.11
N VAL D 17 -16.37 0.20 -20.44
CA VAL D 17 -15.64 0.62 -19.23
C VAL D 17 -14.52 1.62 -19.56
N ARG D 18 -13.88 1.43 -20.70
CA ARG D 18 -12.91 2.41 -21.19
C ARG D 18 -13.52 3.80 -21.48
N ARG D 19 -14.74 3.83 -22.00
CA ARG D 19 -15.45 5.10 -22.18
C ARG D 19 -15.73 5.74 -20.84
N MET D 20 -16.16 4.92 -19.88
CA MET D 20 -16.39 5.40 -18.52
C MET D 20 -15.14 6.09 -17.98
N VAL D 21 -13.98 5.44 -18.15
CA VAL D 21 -12.71 5.99 -17.66
C VAL D 21 -12.39 7.31 -18.36
N GLU D 22 -12.56 7.31 -19.68
CA GLU D 22 -12.40 8.52 -20.51
C GLU D 22 -13.23 9.69 -20.02
N ALA D 23 -14.45 9.40 -19.58
CA ALA D 23 -15.34 10.43 -19.05
C ALA D 23 -14.74 11.20 -17.86
N TYR D 24 -14.08 10.48 -16.94
CA TYR D 24 -13.39 11.12 -15.81
C TYR D 24 -12.26 12.03 -16.29
N ASN D 25 -11.57 11.57 -17.33
CA ASN D 25 -10.43 12.30 -17.88
C ASN D 25 -10.82 13.60 -18.60
N THR D 26 -11.84 13.54 -19.45
CA THR D 26 -12.27 14.73 -20.21
C THR D 26 -13.26 15.60 -19.45
N GLY D 27 -14.01 14.99 -18.52
CA GLY D 27 -15.10 15.66 -17.85
C GLY D 27 -16.37 15.67 -18.70
N LYS D 28 -16.34 14.98 -19.83
CA LYS D 28 -17.45 15.00 -20.78
C LYS D 28 -18.48 13.93 -20.46
N THR D 29 -19.68 14.37 -20.09
CA THR D 29 -20.70 13.47 -19.58
C THR D 29 -21.99 13.50 -20.41
N ASP D 30 -21.93 14.19 -21.55
CA ASP D 30 -23.08 14.32 -22.45
C ASP D 30 -23.69 12.99 -22.87
N ASP D 31 -22.84 12.00 -23.13
CA ASP D 31 -23.29 10.75 -23.75
C ASP D 31 -23.37 9.57 -22.78
N VAL D 32 -23.28 9.82 -21.48
CA VAL D 32 -23.15 8.70 -20.53
C VAL D 32 -24.33 7.72 -20.54
N ALA D 33 -25.50 8.19 -20.99
CA ALA D 33 -26.67 7.32 -21.11
C ALA D 33 -26.43 6.17 -22.08
N ASP D 34 -25.40 6.30 -22.93
CA ASP D 34 -24.99 5.22 -23.83
C ASP D 34 -24.50 3.96 -23.13
N TYR D 35 -23.87 4.11 -21.97
CA TYR D 35 -23.22 2.97 -21.33
C TYR D 35 -23.53 2.85 -19.84
N ILE D 36 -24.20 3.85 -19.30
CA ILE D 36 -24.62 3.86 -17.91
C ILE D 36 -26.10 3.51 -17.84
N HIS D 37 -26.40 2.40 -17.16
CA HIS D 37 -27.76 1.92 -16.94
C HIS D 37 -28.63 2.95 -16.20
N PRO D 38 -29.88 3.11 -16.63
CA PRO D 38 -30.87 3.91 -15.91
C PRO D 38 -30.88 3.62 -14.40
N GLU D 39 -30.70 2.36 -13.99
CA GLU D 39 -30.64 2.03 -12.56
C GLU D 39 -29.21 1.94 -11.99
N TYR D 40 -28.24 2.54 -12.68
CA TYR D 40 -26.83 2.57 -12.23
C TYR D 40 -26.70 3.02 -10.79
N MET D 41 -25.94 2.25 -10.01
CA MET D 41 -25.65 2.60 -8.62
C MET D 41 -24.15 2.45 -8.35
N ASN D 42 -23.61 3.42 -7.62
CA ASN D 42 -22.29 3.32 -7.02
C ASN D 42 -22.48 3.58 -5.54
N PRO D 43 -22.42 2.53 -4.72
CA PRO D 43 -22.72 2.66 -3.30
C PRO D 43 -21.72 3.52 -2.54
N GLY D 44 -20.53 3.75 -3.12
CA GLY D 44 -19.52 4.60 -2.52
C GLY D 44 -19.89 6.07 -2.38
N THR D 45 -20.91 6.54 -3.09
CA THR D 45 -21.33 7.94 -2.99
C THR D 45 -22.68 8.17 -2.27
N LEU D 46 -23.22 7.12 -1.63
CA LEU D 46 -24.50 7.22 -0.93
C LEU D 46 -24.51 8.32 0.13
N GLU D 47 -23.35 8.57 0.71
CA GLU D 47 -23.18 9.64 1.70
C GLU D 47 -23.47 11.04 1.12
N PHE D 48 -23.24 11.22 -0.17
CA PHE D 48 -23.22 12.55 -0.76
C PHE D 48 -24.42 12.87 -1.65
N THR D 49 -25.13 11.83 -2.12
CA THR D 49 -26.21 12.01 -3.09
C THR D 49 -27.18 10.84 -3.11
N SER D 50 -28.43 11.12 -3.51
CA SER D 50 -29.45 10.10 -3.69
C SER D 50 -29.68 9.78 -5.17
N LEU D 51 -28.91 10.41 -6.05
CA LEU D 51 -29.06 10.19 -7.50
C LEU D 51 -28.76 8.76 -7.93
N ARG D 52 -29.31 8.38 -9.08
CA ARG D 52 -29.06 7.09 -9.70
C ARG D 52 -28.85 7.28 -11.20
N GLY D 53 -28.48 6.21 -11.89
CA GLY D 53 -28.37 6.25 -13.35
C GLY D 53 -27.31 7.18 -13.91
N PRO D 54 -27.48 7.56 -15.18
CA PRO D 54 -26.55 8.46 -15.86
C PRO D 54 -26.30 9.76 -15.08
N GLU D 55 -27.31 10.24 -14.36
CA GLU D 55 -27.23 11.46 -13.55
C GLU D 55 -26.26 11.30 -12.36
N LEU D 56 -26.30 10.13 -11.71
CA LEU D 56 -25.33 9.83 -10.66
C LEU D 56 -23.91 9.81 -11.24
N PHE D 57 -23.70 9.02 -12.28
CA PHE D 57 -22.37 8.96 -12.89
C PHE D 57 -21.83 10.33 -13.27
N ALA D 58 -22.70 11.18 -13.82
CA ALA D 58 -22.28 12.51 -14.28
C ALA D 58 -21.91 13.46 -13.13
N ILE D 59 -22.68 13.46 -12.04
CA ILE D 59 -22.32 14.30 -10.90
C ILE D 59 -21.02 13.81 -10.22
N ASN D 60 -20.76 12.51 -10.25
CA ASN D 60 -19.51 11.97 -9.68
C ASN D 60 -18.26 12.37 -10.47
N VAL D 61 -18.36 12.36 -11.80
CA VAL D 61 -17.29 12.87 -12.67
C VAL D 61 -17.05 14.37 -12.42
N ALA D 62 -18.13 15.14 -12.31
CA ALA D 62 -18.02 16.59 -12.06
C ALA D 62 -17.35 16.84 -10.70
N TRP D 63 -17.74 16.06 -9.70
CA TRP D 63 -17.14 16.17 -8.37
C TRP D 63 -15.64 15.88 -8.43
N VAL D 64 -15.25 14.89 -9.24
CA VAL D 64 -13.83 14.57 -9.40
C VAL D 64 -13.05 15.73 -10.06
N LYS D 65 -13.59 16.26 -11.15
CA LYS D 65 -12.98 17.43 -11.80
C LYS D 65 -12.89 18.65 -10.87
N LYS D 66 -13.92 18.84 -10.05
CA LYS D 66 -13.98 19.98 -9.14
C LYS D 66 -12.98 19.87 -8.00
N THR D 67 -12.86 18.67 -7.43
CA THR D 67 -12.11 18.45 -6.20
C THR D 67 -10.65 18.08 -6.43
N PHE D 68 -10.41 17.31 -7.49
CA PHE D 68 -9.08 16.81 -7.80
C PHE D 68 -8.46 17.54 -9.02
N SER D 69 -9.17 18.58 -9.46
CA SER D 69 -8.77 19.46 -10.57
C SER D 69 -9.19 18.95 -11.94
N GLU D 70 -9.24 19.86 -12.92
CA GLU D 70 -9.58 19.50 -14.30
C GLU D 70 -8.54 18.58 -14.90
N GLU D 71 -7.33 18.65 -14.36
CA GLU D 71 -6.21 17.85 -14.84
C GLU D 71 -6.19 16.43 -14.24
N ALA D 72 -7.17 16.13 -13.38
CA ALA D 72 -7.23 14.80 -12.77
C ALA D 72 -7.50 13.74 -13.84
N ARG D 73 -6.73 12.65 -13.78
CA ARG D 73 -6.95 11.54 -14.70
C ARG D 73 -6.74 10.16 -14.12
N LEU D 74 -7.40 9.19 -14.78
CA LEU D 74 -7.27 7.78 -14.50
C LEU D 74 -6.48 7.13 -15.61
N GLU D 75 -5.36 6.51 -15.24
CA GLU D 75 -4.55 5.74 -16.16
C GLU D 75 -4.93 4.28 -16.02
N GLU D 76 -4.91 3.53 -17.10
CA GLU D 76 -5.21 2.11 -17.06
C GLU D 76 -3.97 1.24 -16.81
N VAL D 77 -4.05 0.36 -15.80
CA VAL D 77 -3.01 -0.65 -15.59
C VAL D 77 -3.39 -1.92 -16.35
N GLY D 78 -4.62 -2.39 -16.12
CA GLY D 78 -5.15 -3.57 -16.76
C GLY D 78 -6.64 -3.69 -16.58
N ILE D 79 -7.28 -4.41 -17.50
CA ILE D 79 -8.72 -4.65 -17.44
C ILE D 79 -9.01 -6.07 -17.85
N GLU D 80 -9.89 -6.71 -17.11
CA GLU D 80 -10.27 -8.08 -17.43
C GLU D 80 -11.76 -8.24 -17.19
N GLU D 81 -12.32 -9.33 -17.68
CA GLU D 81 -13.75 -9.57 -17.57
C GLU D 81 -14.04 -11.04 -17.34
N ARG D 82 -15.19 -11.27 -16.72
CA ARG D 82 -15.69 -12.61 -16.47
C ARG D 82 -17.20 -12.53 -16.59
N ALA D 83 -17.74 -13.19 -17.61
CA ALA D 83 -19.17 -13.13 -17.92
C ALA D 83 -19.66 -11.67 -17.98
N ASP D 84 -20.62 -11.32 -17.13
CA ASP D 84 -21.19 -9.96 -17.10
C ASP D 84 -20.45 -9.00 -16.15
N TRP D 85 -19.24 -9.35 -15.76
CA TRP D 85 -18.47 -8.51 -14.84
C TRP D 85 -17.16 -8.04 -15.46
N VAL D 86 -16.77 -6.81 -15.14
CA VAL D 86 -15.47 -6.29 -15.55
C VAL D 86 -14.73 -5.78 -14.32
N ARG D 87 -13.43 -6.06 -14.28
CA ARG D 87 -12.58 -5.56 -13.20
C ARG D 87 -11.48 -4.68 -13.80
N ALA D 88 -11.41 -3.44 -13.34
CA ALA D 88 -10.46 -2.49 -13.92
C ALA D 88 -9.47 -2.05 -12.85
N ARG D 89 -8.20 -2.20 -13.18
CA ARG D 89 -7.12 -1.76 -12.29
C ARG D 89 -6.58 -0.46 -12.85
N LEU D 90 -6.73 0.60 -12.08
CA LEU D 90 -6.50 1.97 -12.57
C LEU D 90 -5.61 2.73 -11.60
N VAL D 91 -5.12 3.89 -12.03
CA VAL D 91 -4.41 4.79 -11.13
C VAL D 91 -4.95 6.20 -11.32
N LEU D 92 -5.42 6.78 -10.22
CA LEU D 92 -5.86 8.17 -10.20
C LEU D 92 -4.68 9.11 -9.94
N TYR D 93 -4.54 10.14 -10.77
CA TYR D 93 -3.62 11.25 -10.53
C TYR D 93 -4.46 12.50 -10.30
N GLY D 94 -4.11 13.30 -9.30
CA GLY D 94 -4.89 14.49 -9.04
C GLY D 94 -4.14 15.55 -8.24
N ARG D 95 -4.81 16.68 -8.02
CA ARG D 95 -4.31 17.68 -7.09
C ARG D 95 -5.50 18.11 -6.24
N HIS D 96 -5.30 18.10 -4.93
CA HIS D 96 -6.39 18.34 -4.00
C HIS D 96 -6.70 19.83 -3.89
N VAL D 97 -7.66 20.28 -4.70
CA VAL D 97 -8.00 21.70 -4.80
C VAL D 97 -9.42 22.02 -4.28
N GLY D 98 -10.20 21.00 -3.96
CA GLY D 98 -11.55 21.19 -3.44
C GLY D 98 -11.72 20.57 -2.06
N GLU D 99 -12.72 21.05 -1.32
CA GLU D 99 -13.12 20.47 -0.03
C GLU D 99 -13.53 19.02 -0.22
N MET D 100 -13.21 18.20 0.76
CA MET D 100 -13.45 16.77 0.66
C MET D 100 -13.62 16.20 2.07
N VAL D 101 -14.78 15.58 2.31
CA VAL D 101 -15.20 15.07 3.63
C VAL D 101 -14.77 15.95 4.81
N GLY D 102 -15.10 17.23 4.72
CA GLY D 102 -14.82 18.19 5.77
C GLY D 102 -13.38 18.62 5.89
N MET D 103 -12.53 18.24 4.94
CA MET D 103 -11.14 18.67 4.93
C MET D 103 -10.92 19.76 3.88
N ALA D 104 -10.29 20.87 4.29
CA ALA D 104 -9.96 21.97 3.40
C ALA D 104 -8.95 21.54 2.32
N PRO D 105 -9.03 22.13 1.13
CA PRO D 105 -8.06 21.87 0.06
C PRO D 105 -6.63 22.06 0.55
N THR D 106 -5.74 21.11 0.26
CA THR D 106 -4.32 21.25 0.61
C THR D 106 -3.50 21.80 -0.56
N GLY D 107 -4.04 21.70 -1.78
CA GLY D 107 -3.31 22.07 -2.98
C GLY D 107 -2.26 21.06 -3.39
N ARG D 108 -2.30 19.87 -2.79
CA ARG D 108 -1.21 18.91 -2.94
C ARG D 108 -1.49 17.90 -4.04
N LEU D 109 -0.44 17.55 -4.79
CA LEU D 109 -0.49 16.44 -5.74
C LEU D 109 -0.62 15.10 -5.03
N PHE D 110 -1.24 14.12 -5.70
CA PHE D 110 -1.32 12.76 -5.19
C PHE D 110 -1.59 11.81 -6.32
N SER D 111 -1.30 10.53 -6.08
CA SER D 111 -1.59 9.48 -7.04
C SER D 111 -1.84 8.18 -6.28
N GLY D 112 -2.87 7.45 -6.67
CA GLY D 112 -3.21 6.19 -5.99
C GLY D 112 -3.89 5.20 -6.91
N GLU D 113 -3.49 3.93 -6.78
CA GLU D 113 -4.14 2.85 -7.48
C GLU D 113 -5.60 2.77 -7.06
N GLN D 114 -6.43 2.29 -7.98
CA GLN D 114 -7.84 2.00 -7.68
C GLN D 114 -8.21 0.67 -8.31
N ILE D 115 -9.14 -0.05 -7.68
CA ILE D 115 -9.78 -1.19 -8.31
C ILE D 115 -11.26 -0.86 -8.47
N HIS D 116 -11.78 -1.10 -9.67
CA HIS D 116 -13.20 -0.86 -9.98
C HIS D 116 -13.84 -2.18 -10.41
N LEU D 117 -15.01 -2.49 -9.85
CA LEU D 117 -15.77 -3.70 -10.19
C LEU D 117 -17.09 -3.30 -10.83
N LEU D 118 -17.31 -3.67 -12.08
CA LEU D 118 -18.51 -3.24 -12.81
C LEU D 118 -19.41 -4.41 -13.20
N HIS D 119 -20.71 -4.31 -12.90
CA HIS D 119 -21.68 -5.32 -13.32
C HIS D 119 -22.52 -4.78 -14.46
N PHE D 120 -22.60 -5.54 -15.55
CA PHE D 120 -23.40 -5.19 -16.73
C PHE D 120 -24.77 -5.88 -16.68
N VAL D 121 -25.82 -5.12 -16.99
CA VAL D 121 -27.18 -5.62 -17.16
C VAL D 121 -27.75 -4.90 -18.39
N ASP D 122 -28.41 -5.65 -19.28
CA ASP D 122 -28.98 -5.08 -20.53
C ASP D 122 -27.93 -4.26 -21.30
N GLY D 123 -26.70 -4.79 -21.38
CA GLY D 123 -25.59 -4.14 -22.08
C GLY D 123 -25.02 -2.84 -21.51
N LYS D 124 -25.44 -2.44 -20.31
CA LYS D 124 -24.97 -1.19 -19.73
C LYS D 124 -24.43 -1.39 -18.30
N ILE D 125 -23.67 -0.42 -17.81
CA ILE D 125 -23.08 -0.51 -16.49
C ILE D 125 -24.16 -0.26 -15.44
N HIS D 126 -24.41 -1.25 -14.59
CA HIS D 126 -25.57 -1.25 -13.69
C HIS D 126 -25.15 -1.14 -12.22
N HIS D 127 -24.06 -1.82 -11.86
CA HIS D 127 -23.47 -1.68 -10.53
C HIS D 127 -21.98 -1.38 -10.65
N HIS D 128 -21.51 -0.45 -9.84
CA HIS D 128 -20.15 0.07 -9.90
C HIS D 128 -19.61 0.22 -8.50
N ARG D 129 -18.56 -0.52 -8.17
CA ARG D 129 -17.89 -0.37 -6.88
C ARG D 129 -16.45 0.03 -7.16
N ASP D 130 -15.98 1.01 -6.43
CA ASP D 130 -14.59 1.39 -6.59
C ASP D 130 -13.87 1.54 -5.27
N TRP D 131 -12.63 1.07 -5.25
CA TRP D 131 -11.79 1.14 -4.08
C TRP D 131 -10.57 2.00 -4.39
N PRO D 132 -10.62 3.26 -3.96
CA PRO D 132 -9.43 4.12 -3.96
C PRO D 132 -8.42 3.65 -2.91
N ASP D 133 -7.18 4.05 -3.10
CA ASP D 133 -6.14 3.91 -2.11
C ASP D 133 -6.27 5.07 -1.14
N TYR D 134 -7.25 4.99 -0.25
CA TYR D 134 -7.55 6.10 0.64
C TYR D 134 -6.36 6.46 1.53
N GLN D 135 -5.76 5.45 2.16
CA GLN D 135 -4.70 5.68 3.13
C GLN D 135 -3.46 6.28 2.47
N GLY D 136 -3.11 5.78 1.29
CA GLY D 136 -1.93 6.25 0.57
C GLY D 136 -2.13 7.67 0.07
N THR D 137 -3.35 8.00 -0.35
CA THR D 137 -3.67 9.34 -0.82
C THR D 137 -3.63 10.30 0.36
N TYR D 138 -4.25 9.91 1.48
CA TYR D 138 -4.28 10.70 2.69
C TYR D 138 -2.86 11.06 3.13
N ARG D 139 -1.95 10.08 3.08
CA ARG D 139 -0.53 10.30 3.36
C ARG D 139 0.08 11.37 2.44
N GLN D 140 -0.22 11.28 1.14
CA GLN D 140 0.26 12.26 0.17
C GLN D 140 -0.34 13.66 0.34
N LEU D 141 -1.51 13.71 0.97
CA LEU D 141 -2.17 14.98 1.26
C LEU D 141 -1.68 15.65 2.54
N GLY D 142 -0.74 15.01 3.23
CA GLY D 142 -0.23 15.55 4.47
C GLY D 142 -1.05 15.14 5.68
N GLU D 143 -1.98 14.19 5.49
CA GLU D 143 -2.86 13.70 6.56
C GLU D 143 -3.61 14.83 7.31
N PRO D 144 -4.34 15.65 6.55
CA PRO D 144 -5.08 16.79 7.10
C PRO D 144 -6.14 16.34 8.11
N TRP D 145 -6.35 17.13 9.16
CA TRP D 145 -7.45 16.89 10.09
C TRP D 145 -8.69 17.54 9.50
N PRO D 146 -9.85 16.89 9.65
CA PRO D 146 -11.11 17.51 9.23
C PRO D 146 -11.44 18.77 10.07
N GLU D 147 -12.12 19.75 9.46
CA GLU D 147 -12.59 20.95 10.17
C GLU D 147 -14.07 20.80 10.58
N THR D 148 -14.73 19.81 10.00
CA THR D 148 -16.16 19.60 10.22
C THR D 148 -16.57 18.19 9.81
N GLU D 149 -17.60 17.66 10.45
CA GLU D 149 -18.20 16.41 9.98
C GLU D 149 -19.32 16.71 8.98
N HIS D 150 -19.62 17.99 8.84
CA HIS D 150 -20.98 18.49 8.72
C HIS D 150 -21.81 18.51 10.00
#